data_7EX8
#
_entry.id   7EX8
#
_cell.length_a   40.748
_cell.length_b   70.692
_cell.length_c   71.063
_cell.angle_alpha   90.000
_cell.angle_beta   90.000
_cell.angle_gamma   90.000
#
_symmetry.space_group_name_H-M   'P 21 21 21'
#
loop_
_entity.id
_entity.type
_entity.pdbx_description
1 polymer Replicase
2 non-polymer 'MANGANESE (II) ION'
3 non-polymer 'methyl (Z)-4-[1-[(3-chlorophenyl)methyl]-4-[(4-chlorophenyl)methyl]piperidin-4-yl]-2-oxidanyl-4-oxidanylidene-but-2-enoate'
4 non-polymer 'CHLORIDE ION'
5 water water
#
_entity_poly.entity_id   1
_entity_poly.type   'polypeptide(L)'
_entity_poly.pdbx_seq_one_letter_code
;MGSSHHHHHHSSGLVPRGSHMASMTGGQQMGRGSEFMEDPMYEQFLQRIQAVRTATVAKDISADILEARHDYFGRELCRA
LDIEYRNNVLLDEIILDVYPGVNLMEYNVPHVTPDNYIWTGDMLLILDYKVSVGHDSTEVTYKKYTTLILPVMQEIGINT
EICIIRANPVTNQISIVGEQFKRLFPTIPVELNFARFFELRKMLLDKFADDEEFLMMIA
;
_entity_poly.pdbx_strand_id   A
#
loop_
_chem_comp.id
_chem_comp.type
_chem_comp.name
_chem_comp.formula
CL non-polymer 'CHLORIDE ION' 'Cl -1'
I27 non-polymer 'methyl (Z)-4-[1-[(3-chlorophenyl)methyl]-4-[(4-chlorophenyl)methyl]piperidin-4-yl]-2-oxidanyl-4-oxidanylidene-but-2-enoate' 'C24 H25 Cl2 N O4'
MN non-polymer 'MANGANESE (II) ION' 'Mn 2'
#
# COMPACT_ATOMS: atom_id res chain seq x y z
N ASP A 39 -13.86 12.15 9.39
CA ASP A 39 -15.06 12.03 10.20
C ASP A 39 -15.77 10.68 9.98
N PRO A 40 -16.38 10.45 8.80
CA PRO A 40 -17.24 9.26 8.66
C PRO A 40 -16.47 7.95 8.79
N MET A 41 -15.22 7.92 8.33
CA MET A 41 -14.38 6.74 8.46
C MET A 41 -14.14 6.39 9.93
N TYR A 42 -13.64 7.34 10.70
CA TYR A 42 -13.44 7.12 12.13
C TYR A 42 -14.72 6.67 12.80
N GLU A 43 -15.84 7.35 12.50
CA GLU A 43 -17.11 7.04 13.16
C GLU A 43 -17.57 5.63 12.83
N GLN A 44 -17.38 5.19 11.59
CA GLN A 44 -17.76 3.83 11.20
C GLN A 44 -16.96 2.78 11.97
N PHE A 45 -15.65 2.97 12.08
CA PHE A 45 -14.85 2.04 12.89
C PHE A 45 -15.30 2.06 14.34
N LEU A 46 -15.49 3.27 14.88
CA LEU A 46 -15.94 3.39 16.26
C LEU A 46 -17.23 2.62 16.51
N GLN A 47 -18.23 2.80 15.64
CA GLN A 47 -19.48 2.05 15.74
C GLN A 47 -19.21 0.54 15.76
N ARG A 48 -18.27 0.06 14.94
CA ARG A 48 -17.96 -1.37 14.89
C ARG A 48 -17.24 -1.86 16.15
N ILE A 49 -16.30 -1.06 16.68
CA ILE A 49 -15.60 -1.45 17.91
C ILE A 49 -16.57 -1.45 19.09
N GLN A 50 -17.49 -0.49 19.11
CA GLN A 50 -18.50 -0.42 20.16
C GLN A 50 -19.35 -1.69 20.19
N ALA A 51 -19.72 -2.20 19.03
CA ALA A 51 -20.65 -3.32 18.91
C ALA A 51 -19.98 -4.69 18.94
N VAL A 52 -18.68 -4.79 18.64
CA VAL A 52 -18.06 -6.10 18.45
C VAL A 52 -18.02 -6.88 19.76
N ARG A 53 -18.22 -8.19 19.65
CA ARG A 53 -18.30 -9.11 20.78
C ARG A 53 -17.37 -10.31 20.67
N THR A 54 -16.81 -10.63 19.50
CA THR A 54 -16.09 -11.86 19.26
C THR A 54 -14.72 -11.58 18.66
N ALA A 55 -13.76 -12.46 18.97
CA ALA A 55 -12.40 -12.30 18.48
C ALA A 55 -12.35 -12.27 16.96
N THR A 56 -13.09 -13.16 16.29
CA THR A 56 -12.99 -13.23 14.84
C THR A 56 -13.46 -11.94 14.19
N VAL A 57 -14.53 -11.34 14.70
CA VAL A 57 -14.99 -10.08 14.13
C VAL A 57 -14.03 -8.95 14.50
N ALA A 58 -13.47 -9.00 15.70
CA ALA A 58 -12.48 -8.01 16.11
C ALA A 58 -11.24 -8.07 15.24
N LYS A 59 -10.80 -9.28 14.86
CA LYS A 59 -9.63 -9.40 14.00
C LYS A 59 -9.87 -8.73 12.66
N ASP A 60 -11.10 -8.79 12.16
CA ASP A 60 -11.41 -8.15 10.88
C ASP A 60 -11.45 -6.63 11.00
N ILE A 61 -11.93 -6.11 12.13
CA ILE A 61 -11.85 -4.67 12.36
C ILE A 61 -10.39 -4.22 12.38
N SER A 62 -9.54 -4.96 13.11
CA SER A 62 -8.12 -4.59 13.19
C SER A 62 -7.49 -4.58 11.81
N ALA A 63 -7.73 -5.61 11.00
CA ALA A 63 -7.21 -5.65 9.64
C ALA A 63 -7.71 -4.46 8.82
N ASP A 64 -9.01 -4.16 8.92
CA ASP A 64 -9.62 -3.05 8.21
C ASP A 64 -9.03 -1.69 8.61
N ILE A 65 -8.71 -1.52 9.89
CA ILE A 65 -8.09 -0.27 10.30
C ILE A 65 -6.71 -0.15 9.67
N LEU A 66 -5.93 -1.24 9.72
CA LEU A 66 -4.61 -1.21 9.12
C LEU A 66 -4.68 -0.95 7.62
N GLU A 67 -5.71 -1.46 6.95
CA GLU A 67 -5.84 -1.20 5.51
C GLU A 67 -6.26 0.24 5.26
N ALA A 68 -7.14 0.79 6.11
CA ALA A 68 -7.57 2.18 5.95
C ALA A 68 -6.42 3.15 6.19
N ARG A 69 -5.56 2.81 7.15
CA ARG A 69 -4.35 3.58 7.40
C ARG A 69 -3.40 3.54 6.21
N HIS A 70 -3.30 2.38 5.58
CA HIS A 70 -2.48 2.26 4.37
C HIS A 70 -3.05 3.13 3.25
N ASP A 71 -4.38 3.07 3.02
CA ASP A 71 -5.02 3.84 1.95
C ASP A 71 -4.95 5.34 2.22
N TYR A 72 -5.09 5.73 3.49
CA TYR A 72 -4.93 7.13 3.86
C TYR A 72 -3.55 7.64 3.45
N PHE A 73 -2.49 6.89 3.78
CA PHE A 73 -1.15 7.31 3.38
C PHE A 73 -1.04 7.43 1.86
N GLY A 74 -1.54 6.43 1.14
CA GLY A 74 -1.48 6.48 -0.31
C GLY A 74 -2.15 7.72 -0.89
N ARG A 75 -3.35 8.06 -0.38
CA ARG A 75 -4.04 9.26 -0.87
C ARG A 75 -3.24 10.52 -0.57
N GLU A 76 -2.67 10.62 0.64
CA GLU A 76 -1.91 11.82 1.01
C GLU A 76 -0.62 11.91 0.20
N LEU A 77 0.01 10.76 -0.05
CA LEU A 77 1.24 10.74 -0.84
C LEU A 77 1.01 11.22 -2.27
N CYS A 78 -0.02 10.69 -2.93
CA CYS A 78 -0.31 11.09 -4.30
C CYS A 78 -0.75 12.54 -4.40
N ARG A 79 -1.52 13.01 -3.41
CA ARG A 79 -1.85 14.42 -3.34
C ARG A 79 -0.60 15.27 -3.24
N ALA A 80 0.32 14.90 -2.34
CA ALA A 80 1.51 15.72 -2.14
C ALA A 80 2.38 15.76 -3.37
N LEU A 81 2.43 14.68 -4.13
CA LEU A 81 3.27 14.58 -5.31
C LEU A 81 2.53 14.98 -6.58
N ASP A 82 1.24 15.28 -6.46
CA ASP A 82 0.36 15.65 -7.57
C ASP A 82 0.36 14.59 -8.67
N ILE A 83 0.22 13.34 -8.26
CA ILE A 83 0.20 12.23 -9.19
C ILE A 83 -1.13 11.52 -9.04
N GLU A 84 -1.49 10.73 -10.06
CA GLU A 84 -2.78 10.05 -10.01
C GLU A 84 -2.83 9.07 -8.84
N TYR A 85 -3.91 9.14 -8.07
CA TYR A 85 -4.13 8.22 -6.97
C TYR A 85 -4.82 6.97 -7.50
N ARG A 86 -4.17 5.81 -7.35
CA ARG A 86 -4.80 4.53 -7.60
C ARG A 86 -4.54 3.64 -6.38
N ASN A 87 -5.30 2.56 -6.26
CA ASN A 87 -5.07 1.61 -5.15
C ASN A 87 -5.42 0.21 -5.66
N ASN A 88 -4.39 -0.50 -6.13
CA ASN A 88 -4.44 -1.83 -6.73
C ASN A 88 -4.88 -1.76 -8.20
N VAL A 89 -3.89 -1.82 -9.08
CA VAL A 89 -4.11 -1.90 -10.50
C VAL A 89 -3.57 -3.26 -10.95
N LEU A 90 -4.40 -4.01 -11.65
CA LEU A 90 -3.95 -5.26 -12.25
C LEU A 90 -2.78 -5.00 -13.19
N LEU A 91 -1.75 -5.84 -13.11
CA LEU A 91 -0.57 -5.64 -13.94
C LEU A 91 -0.90 -5.64 -15.43
N ASP A 92 -1.82 -6.51 -15.88
CA ASP A 92 -2.24 -6.47 -17.29
C ASP A 92 -2.77 -5.10 -17.65
N GLU A 93 -3.53 -4.47 -16.75
CA GLU A 93 -4.12 -3.16 -17.05
C GLU A 93 -3.05 -2.08 -17.10
N ILE A 94 -2.00 -2.18 -16.27
CA ILE A 94 -0.88 -1.24 -16.37
C ILE A 94 -0.18 -1.39 -17.72
N ILE A 95 0.10 -2.61 -18.13
CA ILE A 95 0.75 -2.84 -19.43
C ILE A 95 -0.07 -2.26 -20.56
N LEU A 96 -1.38 -2.51 -20.57
CA LEU A 96 -2.24 -1.96 -21.62
C LEU A 96 -2.24 -0.44 -21.65
N ASP A 97 -2.08 0.22 -20.49
CA ASP A 97 -2.09 1.68 -20.49
C ASP A 97 -0.76 2.23 -21.03
N VAL A 98 0.36 1.60 -20.68
CA VAL A 98 1.64 2.08 -21.17
C VAL A 98 1.87 1.67 -22.62
N TYR A 99 1.36 0.51 -23.03
CA TYR A 99 1.64 -0.06 -24.35
C TYR A 99 0.33 -0.59 -24.92
N PRO A 100 -0.52 0.28 -25.45
CA PRO A 100 -1.88 -0.13 -25.82
C PRO A 100 -1.92 -1.17 -26.94
N GLY A 101 -0.88 -1.27 -27.76
CA GLY A 101 -0.88 -2.24 -28.83
C GLY A 101 -0.39 -3.62 -28.46
N VAL A 102 -0.23 -3.91 -27.16
CA VAL A 102 0.29 -5.20 -26.72
C VAL A 102 -0.75 -6.29 -26.93
N ASN A 103 -0.26 -7.50 -27.22
CA ASN A 103 -1.10 -8.70 -27.21
C ASN A 103 -0.78 -9.48 -25.93
N LEU A 104 -1.59 -9.25 -24.90
CA LEU A 104 -1.37 -9.85 -23.58
C LEU A 104 -1.10 -11.34 -23.67
N MET A 105 -1.79 -12.03 -24.60
CA MET A 105 -1.71 -13.47 -24.70
C MET A 105 -0.33 -13.96 -25.13
N GLU A 106 0.49 -13.09 -25.71
CA GLU A 106 1.83 -13.52 -26.09
C GLU A 106 2.76 -13.63 -24.89
N TYR A 107 2.38 -13.10 -23.72
CA TYR A 107 3.28 -13.03 -22.59
C TYR A 107 2.65 -13.69 -21.37
N ASN A 108 3.49 -14.03 -20.41
CA ASN A 108 3.03 -14.69 -19.20
C ASN A 108 3.01 -13.62 -18.12
N VAL A 109 1.86 -12.97 -17.96
CA VAL A 109 1.72 -11.81 -17.07
C VAL A 109 1.24 -12.29 -15.72
N PRO A 110 2.04 -12.16 -14.65
CA PRO A 110 1.51 -12.41 -13.30
C PRO A 110 0.42 -11.41 -12.98
N HIS A 111 -0.69 -11.90 -12.47
CA HIS A 111 -1.83 -11.05 -12.16
C HIS A 111 -1.68 -10.40 -10.78
N VAL A 112 -0.52 -9.78 -10.54
CA VAL A 112 -0.33 -8.98 -9.34
C VAL A 112 -1.05 -7.64 -9.49
N THR A 113 -1.36 -7.01 -8.35
CA THR A 113 -2.07 -5.73 -8.33
C THR A 113 -1.30 -4.76 -7.45
N PRO A 114 -0.18 -4.21 -7.95
CA PRO A 114 0.51 -3.16 -7.19
C PRO A 114 -0.43 -1.99 -6.96
N ASP A 115 -0.10 -1.17 -5.97
CA ASP A 115 -1.02 -0.12 -5.53
C ASP A 115 -1.24 0.90 -6.64
N ASN A 116 -0.19 1.27 -7.35
CA ASN A 116 -0.25 2.41 -8.25
C ASN A 116 0.95 2.32 -9.19
N TYR A 117 1.01 3.27 -10.11
CA TYR A 117 2.16 3.35 -11.01
C TYR A 117 2.25 4.76 -11.56
N ILE A 118 3.42 5.08 -12.10
CA ILE A 118 3.64 6.33 -12.82
C ILE A 118 4.23 5.98 -14.17
N TRP A 119 3.55 6.36 -15.25
CA TRP A 119 4.07 6.17 -16.59
C TRP A 119 4.55 7.54 -17.06
N THR A 120 5.87 7.71 -17.15
CA THR A 120 6.42 8.99 -17.53
C THR A 120 6.47 9.20 -19.05
N GLY A 121 6.21 8.16 -19.83
CA GLY A 121 6.42 8.20 -21.25
C GLY A 121 7.70 7.53 -21.69
N ASP A 122 8.68 7.39 -20.79
CA ASP A 122 9.88 6.61 -21.06
C ASP A 122 10.15 5.53 -20.03
N MET A 123 9.60 5.62 -18.83
CA MET A 123 9.90 4.64 -17.80
C MET A 123 8.66 4.43 -16.95
N LEU A 124 8.49 3.20 -16.47
CA LEU A 124 7.34 2.82 -15.65
C LEU A 124 7.81 2.61 -14.22
N LEU A 125 7.28 3.42 -13.29
CA LEU A 125 7.52 3.23 -11.87
C LEU A 125 6.33 2.50 -11.28
N ILE A 126 6.54 1.27 -10.84
CA ILE A 126 5.55 0.50 -10.10
C ILE A 126 5.63 0.94 -8.63
N LEU A 127 4.50 1.36 -8.07
CA LEU A 127 4.47 1.95 -6.74
C LEU A 127 3.70 1.03 -5.80
N ASP A 128 4.23 0.83 -4.59
CA ASP A 128 3.39 0.27 -3.55
C ASP A 128 3.60 1.06 -2.27
N TYR A 129 2.50 1.43 -1.64
CA TYR A 129 2.52 2.11 -0.36
C TYR A 129 2.68 1.08 0.75
N LYS A 130 3.36 1.48 1.82
CA LYS A 130 3.43 0.71 3.05
C LYS A 130 3.27 1.67 4.22
N VAL A 131 2.62 1.22 5.28
CA VAL A 131 2.66 1.91 6.57
C VAL A 131 3.11 0.88 7.59
N SER A 132 4.27 1.11 8.21
CA SER A 132 4.86 0.14 9.11
C SER A 132 6.07 0.77 9.80
N VAL A 133 6.29 0.37 11.05
CA VAL A 133 7.47 0.80 11.78
C VAL A 133 8.70 -0.01 11.36
N GLY A 134 8.51 -1.15 10.72
CA GLY A 134 9.59 -2.03 10.37
C GLY A 134 9.72 -2.18 8.86
N HIS A 135 10.76 -2.92 8.45
CA HIS A 135 11.10 -3.10 7.05
C HIS A 135 10.60 -4.39 6.43
N ASP A 136 10.06 -5.31 7.24
CA ASP A 136 9.83 -6.65 6.73
C ASP A 136 8.81 -6.66 5.59
N SER A 137 7.70 -5.94 5.75
CA SER A 137 6.68 -5.95 4.71
C SER A 137 7.21 -5.31 3.42
N THR A 138 8.07 -4.31 3.52
CA THR A 138 8.74 -3.74 2.36
C THR A 138 9.58 -4.79 1.62
N GLU A 139 10.40 -5.53 2.38
CA GLU A 139 11.26 -6.55 1.78
C GLU A 139 10.44 -7.62 1.09
N VAL A 140 9.34 -8.04 1.70
CA VAL A 140 8.49 -9.07 1.11
C VAL A 140 7.96 -8.58 -0.22
N THR A 141 7.38 -7.38 -0.23
CA THR A 141 6.79 -6.86 -1.45
C THR A 141 7.87 -6.54 -2.49
N TYR A 142 9.01 -6.02 -2.05
CA TYR A 142 10.10 -5.76 -2.99
C TYR A 142 10.51 -7.03 -3.72
N LYS A 143 10.67 -8.12 -2.96
CA LYS A 143 11.08 -9.39 -3.56
C LYS A 143 10.03 -9.89 -4.55
N LYS A 144 8.76 -9.83 -4.17
CA LYS A 144 7.68 -10.36 -5.01
C LYS A 144 7.60 -9.61 -6.34
N TYR A 145 7.56 -8.27 -6.28
CA TYR A 145 7.38 -7.50 -7.50
C TYR A 145 8.63 -7.51 -8.36
N THR A 146 9.82 -7.50 -7.75
CA THR A 146 11.05 -7.63 -8.51
C THR A 146 11.05 -8.92 -9.32
N THR A 147 10.80 -10.05 -8.66
CA THR A 147 10.90 -11.33 -9.37
C THR A 147 9.70 -11.61 -10.27
N LEU A 148 8.53 -11.02 -10.01
CA LEU A 148 7.34 -11.28 -10.80
C LEU A 148 7.06 -10.24 -11.87
N ILE A 149 7.44 -8.98 -11.66
CA ILE A 149 7.11 -7.94 -12.63
C ILE A 149 8.26 -7.68 -13.60
N LEU A 150 9.49 -7.54 -13.10
CA LEU A 150 10.58 -7.13 -13.96
C LEU A 150 10.81 -8.07 -15.14
N PRO A 151 10.75 -9.41 -15.00
CA PRO A 151 11.04 -10.25 -16.18
C PRO A 151 10.07 -10.03 -17.31
N VAL A 152 8.77 -9.98 -17.03
CA VAL A 152 7.82 -9.82 -18.12
C VAL A 152 7.91 -8.42 -18.71
N MET A 153 8.23 -7.41 -17.89
CA MET A 153 8.42 -6.07 -18.43
C MET A 153 9.64 -6.02 -19.34
N GLN A 154 10.68 -6.79 -19.01
CA GLN A 154 11.85 -6.85 -19.88
C GLN A 154 11.53 -7.56 -21.19
N GLU A 155 10.78 -8.67 -21.15
CA GLU A 155 10.38 -9.30 -22.41
C GLU A 155 9.50 -8.38 -23.24
N ILE A 156 8.65 -7.58 -22.59
CA ILE A 156 7.78 -6.71 -23.35
C ILE A 156 8.57 -5.54 -23.92
N GLY A 157 9.57 -5.09 -23.19
CA GLY A 157 10.37 -3.95 -23.59
C GLY A 157 10.06 -2.64 -22.89
N ILE A 158 9.49 -2.69 -21.69
CA ILE A 158 9.09 -1.49 -20.95
C ILE A 158 10.05 -1.31 -19.79
N ASN A 159 10.76 -0.20 -19.77
CA ASN A 159 11.71 0.07 -18.70
C ASN A 159 10.97 0.32 -17.39
N THR A 160 11.28 -0.47 -16.38
CA THR A 160 10.47 -0.52 -15.17
C THR A 160 11.37 -0.48 -13.94
N GLU A 161 10.91 0.22 -12.91
CA GLU A 161 11.52 0.26 -11.59
C GLU A 161 10.47 -0.08 -10.55
N ILE A 162 10.83 -0.90 -9.57
CA ILE A 162 9.95 -1.22 -8.46
C ILE A 162 10.19 -0.20 -7.34
N CYS A 163 9.16 0.57 -7.01
CA CYS A 163 9.20 1.60 -5.99
C CYS A 163 8.30 1.24 -4.82
N ILE A 164 8.86 1.25 -3.60
CA ILE A 164 8.08 1.03 -2.38
C ILE A 164 8.27 2.25 -1.50
N ILE A 165 7.17 2.89 -1.13
CA ILE A 165 7.20 4.09 -0.30
C ILE A 165 6.54 3.74 1.03
N ARG A 166 7.31 3.79 2.11
CA ARG A 166 6.82 3.43 3.43
C ARG A 166 6.79 4.66 4.32
N ALA A 167 5.69 4.81 5.05
CA ALA A 167 5.62 5.77 6.16
C ALA A 167 5.65 5.00 7.48
N ASN A 168 6.47 5.49 8.39
CA ASN A 168 6.42 5.04 9.77
C ASN A 168 5.22 5.70 10.44
N PRO A 169 4.23 4.94 10.91
CA PRO A 169 3.04 5.57 11.45
C PRO A 169 3.29 6.30 12.78
N VAL A 170 4.36 5.95 13.48
CA VAL A 170 4.70 6.59 14.75
C VAL A 170 5.48 7.87 14.54
N THR A 171 6.49 7.85 13.68
CA THR A 171 7.35 9.02 13.51
C THR A 171 7.00 9.88 12.30
N ASN A 172 6.15 9.39 11.39
CA ASN A 172 5.79 10.07 10.15
C ASN A 172 6.93 10.15 9.16
N GLN A 173 8.04 9.49 9.44
CA GLN A 173 9.18 9.52 8.52
C GLN A 173 8.91 8.64 7.31
N ILE A 174 9.28 9.14 6.12
CA ILE A 174 9.07 8.43 4.86
C ILE A 174 10.39 7.79 4.42
N SER A 175 10.33 6.52 4.00
CA SER A 175 11.45 5.81 3.43
C SER A 175 11.06 5.32 2.04
N ILE A 176 12.00 5.42 1.09
CA ILE A 176 11.72 5.13 -0.31
C ILE A 176 12.74 4.13 -0.83
N VAL A 177 12.24 3.04 -1.41
CA VAL A 177 13.04 2.16 -2.23
C VAL A 177 12.70 2.50 -3.68
N GLY A 178 13.72 2.84 -4.47
CA GLY A 178 13.48 3.22 -5.86
C GLY A 178 14.26 4.44 -6.29
N GLU A 179 15.36 4.25 -7.04
CA GLU A 179 16.27 5.35 -7.31
C GLU A 179 15.62 6.39 -8.22
N GLN A 180 14.92 5.95 -9.26
CA GLN A 180 14.28 6.90 -10.16
C GLN A 180 13.16 7.67 -9.47
N PHE A 181 12.44 7.02 -8.56
CA PHE A 181 11.42 7.73 -7.80
C PHE A 181 12.04 8.84 -6.95
N LYS A 182 13.15 8.53 -6.27
CA LYS A 182 13.82 9.56 -5.47
C LYS A 182 14.27 10.72 -6.34
N ARG A 183 14.78 10.42 -7.53
CA ARG A 183 15.24 11.47 -8.42
C ARG A 183 14.07 12.34 -8.86
N LEU A 184 12.92 11.74 -9.16
CA LEU A 184 11.74 12.49 -9.60
C LEU A 184 11.11 13.29 -8.47
N PHE A 185 11.20 12.80 -7.24
CA PHE A 185 10.50 13.38 -6.09
C PHE A 185 11.48 13.51 -4.93
N PRO A 186 12.39 14.49 -5.00
CA PRO A 186 13.44 14.56 -3.98
C PRO A 186 12.92 15.00 -2.62
N THR A 187 11.80 15.74 -2.58
CA THR A 187 11.10 16.03 -1.33
C THR A 187 9.66 15.55 -1.43
N ILE A 188 9.11 15.14 -0.30
CA ILE A 188 7.74 14.66 -0.22
C ILE A 188 6.97 15.51 0.79
N PRO A 189 6.36 16.59 0.38
CA PRO A 189 5.71 17.50 1.35
C PRO A 189 4.35 17.01 1.81
N VAL A 190 4.33 15.87 2.52
CA VAL A 190 3.12 15.33 3.12
C VAL A 190 2.95 15.89 4.54
N GLU A 191 1.70 15.93 4.99
CA GLU A 191 1.31 16.30 6.35
C GLU A 191 0.52 15.11 6.87
N LEU A 192 1.18 14.20 7.58
CA LEU A 192 0.58 12.93 7.96
C LEU A 192 0.16 12.95 9.42
N ASN A 193 -0.97 12.31 9.73
CA ASN A 193 -1.41 12.21 11.11
C ASN A 193 -2.12 10.87 11.26
N PHE A 194 -1.44 9.90 11.87
CA PHE A 194 -1.96 8.55 12.03
C PHE A 194 -2.59 8.33 13.39
N ALA A 195 -2.66 9.36 14.22
CA ALA A 195 -3.02 9.16 15.63
C ALA A 195 -4.39 8.54 15.79
N ARG A 196 -5.36 8.95 14.96
CA ARG A 196 -6.71 8.40 15.05
C ARG A 196 -6.75 6.91 14.73
N PHE A 197 -5.92 6.45 13.79
CA PHE A 197 -5.88 5.01 13.52
C PHE A 197 -5.34 4.25 14.73
N PHE A 198 -4.34 4.81 15.42
CA PHE A 198 -3.83 4.18 16.64
C PHE A 198 -4.88 4.16 17.73
N GLU A 199 -5.57 5.29 17.93
CA GLU A 199 -6.64 5.37 18.92
C GLU A 199 -7.69 4.30 18.70
N LEU A 200 -8.18 4.16 17.47
CA LEU A 200 -9.18 3.13 17.17
C LEU A 200 -8.65 1.73 17.49
N ARG A 201 -7.46 1.38 16.96
CA ARG A 201 -6.93 0.03 17.20
C ARG A 201 -6.63 -0.20 18.68
N LYS A 202 -6.16 0.81 19.39
CA LYS A 202 -5.87 0.61 20.80
C LYS A 202 -7.15 0.31 21.58
N MET A 203 -8.23 0.98 21.23
CA MET A 203 -9.53 0.68 21.85
C MET A 203 -9.96 -0.75 21.56
N LEU A 204 -9.78 -1.21 20.31
CA LEU A 204 -10.09 -2.58 19.95
C LEU A 204 -9.24 -3.56 20.78
N LEU A 205 -7.94 -3.31 20.86
CA LEU A 205 -7.04 -4.18 21.62
C LEU A 205 -7.33 -4.12 23.12
N ASP A 206 -7.70 -2.95 23.63
CA ASP A 206 -8.07 -2.89 25.05
C ASP A 206 -9.33 -3.69 25.33
N LYS A 207 -10.29 -3.69 24.39
CA LYS A 207 -11.54 -4.40 24.61
C LYS A 207 -11.33 -5.91 24.68
N PHE A 208 -10.28 -6.42 24.02
CA PHE A 208 -10.01 -7.86 23.98
C PHE A 208 -8.70 -8.22 24.64
N ALA A 209 -8.22 -7.40 25.58
CA ALA A 209 -6.91 -7.66 26.19
C ALA A 209 -6.92 -8.92 27.06
N ASP A 210 -8.08 -9.42 27.45
CA ASP A 210 -8.18 -10.64 28.24
C ASP A 210 -8.66 -11.83 27.42
N ASP A 211 -8.64 -11.74 26.10
CA ASP A 211 -9.21 -12.76 25.21
C ASP A 211 -8.08 -13.59 24.63
N GLU A 212 -7.97 -14.85 25.08
CA GLU A 212 -6.94 -15.75 24.58
C GLU A 212 -6.98 -15.85 23.06
N GLU A 213 -8.16 -16.11 22.49
CA GLU A 213 -8.27 -16.35 21.06
C GLU A 213 -7.80 -15.16 20.25
N PHE A 214 -8.34 -13.97 20.54
CA PHE A 214 -7.92 -12.76 19.84
C PHE A 214 -6.44 -12.50 20.01
N LEU A 215 -5.90 -12.78 21.21
CA LEU A 215 -4.49 -12.56 21.45
C LEU A 215 -3.64 -13.39 20.50
N MET A 216 -4.10 -14.60 20.18
CA MET A 216 -3.38 -15.47 19.25
C MET A 216 -3.53 -15.02 17.81
N MET A 217 -4.70 -14.50 17.45
CA MET A 217 -4.97 -14.01 16.10
C MET A 217 -4.17 -12.73 15.84
N ILE A 218 -3.36 -12.35 16.85
CA ILE A 218 -2.42 -11.22 16.84
C ILE A 218 -2.02 -10.70 15.46
MN MN B . -2.40 -2.76 -2.45
MN MN C . 0.58 -1.31 -0.48
C10 I27 D . -4.27 -6.13 -0.37
C11 I27 D . -5.19 -5.43 0.70
C12 I27 D . -4.44 -4.77 1.92
C13 I27 D . -4.25 -5.50 3.12
C14 I27 D . -3.60 -4.95 4.25
C15 I27 D . -3.11 -3.66 4.14
C17 I27 D . -3.23 -2.88 3.01
C18 I27 D . -3.92 -3.45 1.89
C19 I27 D . -5.21 -6.51 -1.58
C20 I27 D . -5.84 -7.91 -1.47
C31 I27 D . -3.56 -7.42 0.19
C1 I27 D . 1.13 -2.21 2.14
C3 I27 D . 0.19 -3.92 0.83
C5 I27 D . -0.98 -3.96 -0.11
C7 I27 D . -1.90 -4.95 -0.04
C8 I27 D . -3.15 -5.15 -0.83
C30 I27 D . -3.51 -8.59 -0.80
N21 I27 D . -4.84 -9.01 -1.31
O2 I27 D . 1.03 -2.88 0.93
O4 I27 D . 0.39 -4.87 1.62
O6 I27 D . -1.08 -2.95 -1.00
O9 I27 D . -3.37 -4.42 -1.76
CL1 I27 D . -2.28 -2.99 5.59
CL CL E . -20.11 -15.84 21.64
CL CL F . -19.26 -9.63 17.10
CL CL G . -0.10 -8.25 -5.56
#